data_4FND
#
_entry.id   4FND
#
_cell.length_a   77.018
_cell.length_b   77.018
_cell.length_c   135.595
_cell.angle_alpha   90.000
_cell.angle_beta   90.000
_cell.angle_gamma   120.000
#
_symmetry.space_group_name_H-M   'P 63 2 2'
#
loop_
_entity.id
_entity.type
_entity.pdbx_description
1 polymer 'Enoyl-CoA hydratase/isomerase family protein'
2 non-polymer (S)-3-Hydroxyhexanoyl-CoA
3 non-polymer 'SULFATE ION'
4 water water
#
_entity_poly.entity_id   1
_entity_poly.type   'polypeptide(L)'
_entity_poly.pdbx_seq_one_letter_code
;SMSDPVSYTRKDSIAVISMDDGKVNALGPAMQQALNAAIDNADRDDVGALVITGNGRVFSGGFDLKILTSGEVQPAIDML
RGGFELAYRLLSYPKPVVMACTGHAIAMGAFLLSCGDHRVAAHAYNIQANEVAIGMTIPYAALEIMKLRLTRSAYQQATG
LAKTFFGETALAAGFIDEIALPEVVVSRAEEAAREFAGLNQHAHAATKLRSRADALTAIRAGIDGIAAEFGL
;
_entity_poly.pdbx_strand_id   A
#
# COMPACT_ATOMS: atom_id res chain seq x y z
N SER A 1 -9.21 -9.82 13.70
CA SER A 1 -10.37 -9.26 14.37
C SER A 1 -10.48 -7.77 14.08
N MET A 2 -11.68 -7.23 14.19
CA MET A 2 -11.88 -5.81 13.92
C MET A 2 -11.25 -4.95 15.03
N SER A 3 -11.25 -5.46 16.25
CA SER A 3 -10.65 -4.76 17.38
C SER A 3 -9.13 -4.87 17.33
N ASP A 4 -8.65 -6.01 16.85
CA ASP A 4 -7.23 -6.31 16.74
C ASP A 4 -6.90 -6.67 15.29
N PRO A 5 -6.82 -5.67 14.41
CA PRO A 5 -6.79 -5.99 12.98
C PRO A 5 -5.42 -6.28 12.36
N VAL A 6 -4.35 -6.18 13.14
CA VAL A 6 -3.02 -6.43 12.58
C VAL A 6 -2.20 -7.38 13.44
N SER A 7 -1.57 -8.37 12.81
CA SER A 7 -0.65 -9.23 13.51
C SER A 7 0.77 -8.97 13.05
N TYR A 8 1.73 -9.19 13.93
CA TYR A 8 3.13 -9.02 13.61
C TYR A 8 3.88 -10.27 13.99
N THR A 9 4.65 -10.81 13.06
CA THR A 9 5.39 -12.04 13.28
C THR A 9 6.77 -11.94 12.69
N ARG A 10 7.80 -12.03 13.53
CA ARG A 10 9.17 -12.04 13.05
C ARG A 10 9.55 -13.44 12.60
N LYS A 11 10.09 -13.54 11.38
CA LYS A 11 10.60 -14.81 10.87
C LYS A 11 12.04 -14.63 10.42
N ASP A 12 12.99 -15.01 11.28
CA ASP A 12 14.41 -14.84 11.00
C ASP A 12 14.75 -13.42 10.52
N SER A 13 15.00 -13.26 9.22
CA SER A 13 15.46 -11.98 8.67
C SER A 13 14.34 -11.04 8.23
N ILE A 14 13.09 -11.46 8.38
CA ILE A 14 11.97 -10.65 7.94
C ILE A 14 10.89 -10.52 9.00
N ALA A 15 10.04 -9.51 8.87
CA ALA A 15 8.86 -9.41 9.70
C ALA A 15 7.64 -9.44 8.79
N VAL A 16 6.65 -10.23 9.18
CA VAL A 16 5.41 -10.35 8.43
C VAL A 16 4.29 -9.61 9.15
N ILE A 17 3.77 -8.56 8.52
CA ILE A 17 2.69 -7.78 9.07
C ILE A 17 1.41 -8.09 8.31
N SER A 18 0.39 -8.60 9.00
CA SER A 18 -0.82 -9.09 8.33
C SER A 18 -2.07 -8.35 8.75
N MET A 19 -2.76 -7.77 7.77
CA MET A 19 -4.04 -7.14 8.02
C MET A 19 -5.18 -8.16 7.96
N ASP A 20 -6.00 -8.19 9.00
CA ASP A 20 -7.25 -8.92 8.95
C ASP A 20 -8.23 -8.35 9.96
N ASP A 21 -9.14 -7.49 9.50
CA ASP A 21 -10.12 -6.89 10.40
C ASP A 21 -11.41 -7.70 10.39
N GLY A 22 -11.35 -8.89 9.78
CA GLY A 22 -12.50 -9.76 9.70
C GLY A 22 -13.39 -9.42 8.52
N LYS A 23 -13.04 -8.35 7.82
CA LYS A 23 -13.87 -7.84 6.74
C LYS A 23 -13.01 -7.51 5.52
N VAL A 24 -13.00 -6.24 5.12
CA VAL A 24 -12.25 -5.85 3.92
C VAL A 24 -11.03 -4.96 4.23
N ASN A 25 -10.45 -5.11 5.42
CA ASN A 25 -9.26 -4.36 5.81
C ASN A 25 -9.36 -2.86 5.52
N ALA A 26 -10.48 -2.26 5.92
CA ALA A 26 -10.67 -0.82 5.76
C ALA A 26 -9.56 -0.06 6.50
N LEU A 27 -9.01 0.94 5.84
CA LEU A 27 -7.86 1.66 6.39
C LEU A 27 -8.32 2.86 7.20
N GLY A 28 -9.08 2.59 8.26
CA GLY A 28 -9.54 3.62 9.18
C GLY A 28 -8.47 3.91 10.21
N PRO A 29 -8.80 4.72 11.22
CA PRO A 29 -7.82 5.10 12.25
C PRO A 29 -7.23 3.90 13.01
N ALA A 30 -8.07 2.96 13.44
CA ALA A 30 -7.58 1.81 14.19
C ALA A 30 -6.59 1.01 13.35
N MET A 31 -6.91 0.80 12.07
CA MET A 31 -6.05 0.01 11.19
C MET A 31 -4.72 0.73 10.96
N GLN A 32 -4.80 2.03 10.70
CA GLN A 32 -3.60 2.83 10.51
C GLN A 32 -2.71 2.79 11.76
N GLN A 33 -3.31 2.96 12.95
CA GLN A 33 -2.49 2.90 14.17
C GLN A 33 -1.88 1.49 14.32
N ALA A 34 -2.67 0.46 14.05
CA ALA A 34 -2.15 -0.90 14.16
C ALA A 34 -0.96 -1.10 13.23
N LEU A 35 -1.08 -0.63 11.99
CA LEU A 35 0.01 -0.75 11.01
C LEU A 35 1.26 0.01 11.46
N ASN A 36 1.08 1.26 11.86
CA ASN A 36 2.21 2.04 12.35
C ASN A 36 2.91 1.36 13.53
N ALA A 37 2.12 0.76 14.42
CA ALA A 37 2.68 0.13 15.61
C ALA A 37 3.46 -1.13 15.23
N ALA A 38 2.96 -1.85 14.23
CA ALA A 38 3.64 -3.04 13.75
C ALA A 38 4.96 -2.65 13.10
N ILE A 39 4.96 -1.54 12.35
CA ILE A 39 6.20 -1.08 11.73
C ILE A 39 7.23 -0.65 12.79
N ASP A 40 6.76 0.02 13.84
CA ASP A 40 7.64 0.36 14.96
C ASP A 40 8.29 -0.89 15.54
N ASN A 41 7.51 -1.96 15.61
CA ASN A 41 8.03 -3.25 16.07
C ASN A 41 9.13 -3.75 15.12
N ALA A 42 8.89 -3.67 13.82
CA ALA A 42 9.93 -4.03 12.85
C ALA A 42 11.17 -3.17 13.02
N ASP A 43 11.00 -1.88 13.31
CA ASP A 43 12.13 -1.01 13.62
C ASP A 43 12.89 -1.53 14.83
N ARG A 44 12.16 -1.88 15.88
CA ARG A 44 12.79 -2.36 17.11
C ARG A 44 13.59 -3.65 16.89
N ASP A 45 13.03 -4.57 16.11
CA ASP A 45 13.69 -5.84 15.82
C ASP A 45 14.81 -5.68 14.78
N ASP A 46 14.88 -4.50 14.16
CA ASP A 46 15.86 -4.24 13.12
C ASP A 46 15.90 -5.35 12.06
N VAL A 47 14.72 -5.72 11.55
CA VAL A 47 14.62 -6.79 10.56
C VAL A 47 15.26 -6.42 9.23
N GLY A 48 15.48 -7.42 8.38
CA GLY A 48 16.07 -7.19 7.08
C GLY A 48 15.07 -6.72 6.03
N ALA A 49 13.80 -7.08 6.21
CA ALA A 49 12.75 -6.74 5.25
C ALA A 49 11.35 -6.93 5.84
N LEU A 50 10.37 -6.24 5.25
CA LEU A 50 8.97 -6.33 5.66
C LEU A 50 8.15 -6.99 4.60
N VAL A 51 7.22 -7.84 5.03
CA VAL A 51 6.13 -8.29 4.18
C VAL A 51 4.86 -7.78 4.81
N ILE A 52 4.00 -7.19 3.99
CA ILE A 52 2.69 -6.78 4.46
C ILE A 52 1.63 -7.54 3.66
N THR A 53 0.69 -8.17 4.35
CA THR A 53 -0.33 -8.96 3.67
C THR A 53 -1.73 -8.44 4.00
N GLY A 54 -2.68 -8.83 3.17
CA GLY A 54 -4.09 -8.64 3.50
C GLY A 54 -4.60 -9.93 4.10
N ASN A 55 -5.91 -10.18 3.97
CA ASN A 55 -6.48 -11.44 4.45
C ASN A 55 -6.90 -12.31 3.26
N GLY A 56 -7.71 -13.33 3.49
CA GLY A 56 -8.09 -14.24 2.41
C GLY A 56 -9.11 -13.65 1.45
N ARG A 57 -9.67 -12.51 1.81
CA ARG A 57 -10.73 -11.87 1.05
CA ARG A 57 -10.74 -11.87 1.04
C ARG A 57 -10.21 -10.71 0.19
N VAL A 58 -9.37 -9.86 0.78
CA VAL A 58 -8.82 -8.73 0.05
C VAL A 58 -7.42 -8.43 0.49
N PHE A 59 -6.71 -7.60 -0.27
CA PHE A 59 -5.58 -6.89 0.30
C PHE A 59 -6.20 -5.80 1.19
N SER A 60 -6.88 -4.85 0.57
CA SER A 60 -7.67 -3.86 1.29
C SER A 60 -8.71 -3.19 0.39
N GLY A 61 -9.89 -2.91 0.94
CA GLY A 61 -10.90 -2.18 0.22
C GLY A 61 -10.74 -0.67 0.33
N GLY A 62 -9.66 -0.23 0.95
CA GLY A 62 -9.31 1.19 0.97
C GLY A 62 -9.75 1.86 2.25
N PHE A 63 -9.94 3.18 2.21
CA PHE A 63 -10.38 3.92 3.39
C PHE A 63 -11.75 3.44 3.88
N ASP A 64 -11.99 3.60 5.18
CA ASP A 64 -13.29 3.30 5.77
C ASP A 64 -14.36 4.24 5.24
N LEU A 65 -15.30 3.69 4.47
CA LEU A 65 -16.39 4.46 3.88
C LEU A 65 -17.36 5.04 4.91
N LYS A 66 -17.49 4.37 6.05
CA LYS A 66 -18.40 4.86 7.08
C LYS A 66 -17.94 6.23 7.56
N ILE A 67 -16.64 6.34 7.84
CA ILE A 67 -16.05 7.61 8.27
C ILE A 67 -16.07 8.63 7.14
N LEU A 68 -15.62 8.19 5.98
CA LEU A 68 -15.53 9.06 4.82
C LEU A 68 -16.86 9.79 4.54
N THR A 69 -17.97 9.08 4.69
CA THR A 69 -19.28 9.62 4.32
C THR A 69 -20.26 9.85 5.47
N SER A 70 -19.75 9.89 6.70
CA SER A 70 -20.60 10.12 7.86
C SER A 70 -21.16 11.53 7.86
N GLY A 71 -20.49 12.45 7.17
CA GLY A 71 -20.93 13.82 7.10
C GLY A 71 -20.15 14.73 8.04
N GLU A 72 -19.16 14.17 8.72
CA GLU A 72 -18.24 14.95 9.54
C GLU A 72 -16.93 15.14 8.79
N VAL A 73 -16.56 16.39 8.56
CA VAL A 73 -15.44 16.69 7.68
C VAL A 73 -14.06 16.40 8.26
N GLN A 74 -13.77 16.88 9.46
CA GLN A 74 -12.41 16.77 10.01
C GLN A 74 -11.93 15.32 10.21
N PRO A 75 -12.81 14.41 10.64
CA PRO A 75 -12.38 13.03 10.80
C PRO A 75 -12.05 12.37 9.46
N ALA A 76 -12.81 12.74 8.43
CA ALA A 76 -12.54 12.23 7.09
C ALA A 76 -11.21 12.78 6.59
N ILE A 77 -10.99 14.07 6.76
CA ILE A 77 -9.69 14.65 6.46
C ILE A 77 -8.55 13.97 7.22
N ASP A 78 -8.73 13.76 8.52
CA ASP A 78 -7.70 13.16 9.36
C ASP A 78 -7.42 11.70 8.91
N MET A 79 -8.46 10.97 8.54
CA MET A 79 -8.26 9.58 8.07
C MET A 79 -7.45 9.58 6.78
N LEU A 80 -7.81 10.49 5.87
CA LEU A 80 -7.10 10.62 4.61
C LEU A 80 -5.65 11.01 4.82
N ARG A 81 -5.38 12.01 5.64
CA ARG A 81 -4.01 12.42 5.90
C ARG A 81 -3.17 11.25 6.46
N GLY A 82 -3.75 10.51 7.40
CA GLY A 82 -3.05 9.39 8.01
C GLY A 82 -2.74 8.26 7.02
N GLY A 83 -3.66 7.98 6.12
CA GLY A 83 -3.42 6.97 5.10
C GLY A 83 -2.24 7.35 4.21
N PHE A 84 -2.20 8.60 3.79
CA PHE A 84 -1.14 9.03 2.89
C PHE A 84 0.21 9.24 3.61
N GLU A 85 0.14 9.59 4.90
CA GLU A 85 1.32 9.60 5.76
C GLU A 85 1.94 8.21 5.84
N LEU A 86 1.09 7.21 6.05
CA LEU A 86 1.55 5.83 6.11
C LEU A 86 2.18 5.40 4.78
N ALA A 87 1.58 5.80 3.67
CA ALA A 87 2.13 5.55 2.35
C ALA A 87 3.51 6.18 2.19
N TYR A 88 3.64 7.42 2.65
CA TYR A 88 4.91 8.11 2.61
C TYR A 88 5.94 7.32 3.40
N ARG A 89 5.54 6.85 4.57
CA ARG A 89 6.43 6.13 5.47
C ARG A 89 6.92 4.82 4.82
N LEU A 90 6.01 4.11 4.16
CA LEU A 90 6.39 2.86 3.48
C LEU A 90 7.27 3.10 2.25
N LEU A 91 6.96 4.12 1.44
CA LEU A 91 7.80 4.45 0.29
C LEU A 91 9.22 4.90 0.66
N SER A 92 9.37 5.48 1.84
CA SER A 92 10.68 5.93 2.31
CA SER A 92 10.67 5.95 2.34
C SER A 92 11.33 4.96 3.31
N TYR A 93 10.65 3.85 3.60
CA TYR A 93 11.16 2.89 4.59
C TYR A 93 12.58 2.41 4.26
N PRO A 94 13.49 2.39 5.26
CA PRO A 94 14.88 2.03 4.96
C PRO A 94 15.16 0.53 4.74
N LYS A 95 14.17 -0.33 4.91
CA LYS A 95 14.29 -1.76 4.57
C LYS A 95 13.39 -2.10 3.39
N PRO A 96 13.75 -3.14 2.62
CA PRO A 96 12.86 -3.56 1.53
C PRO A 96 11.46 -3.89 2.05
N VAL A 97 10.43 -3.48 1.32
CA VAL A 97 9.04 -3.73 1.70
C VAL A 97 8.37 -4.54 0.60
N VAL A 98 7.89 -5.73 0.95
CA VAL A 98 7.18 -6.57 -0.01
C VAL A 98 5.70 -6.67 0.35
N MET A 99 4.84 -6.37 -0.61
CA MET A 99 3.40 -6.47 -0.43
C MET A 99 2.90 -7.81 -0.91
N ALA A 100 2.18 -8.53 -0.04
CA ALA A 100 1.51 -9.75 -0.46
C ALA A 100 0.06 -9.40 -0.72
N CYS A 101 -0.27 -9.14 -1.97
CA CYS A 101 -1.62 -8.76 -2.34
C CYS A 101 -2.50 -10.01 -2.36
N THR A 102 -3.16 -10.27 -1.23
CA THR A 102 -3.84 -11.56 -1.01
C THR A 102 -5.30 -11.58 -1.45
N GLY A 103 -5.76 -10.45 -1.98
CA GLY A 103 -7.11 -10.31 -2.49
C GLY A 103 -7.19 -8.99 -3.24
N HIS A 104 -8.41 -8.53 -3.52
CA HIS A 104 -8.57 -7.30 -4.28
C HIS A 104 -7.95 -6.10 -3.56
N ALA A 105 -7.54 -5.10 -4.33
CA ALA A 105 -6.98 -3.87 -3.76
C ALA A 105 -7.63 -2.68 -4.46
N ILE A 106 -8.52 -1.99 -3.74
CA ILE A 106 -9.33 -0.94 -4.34
C ILE A 106 -8.98 0.42 -3.72
N ALA A 107 -8.87 1.45 -4.54
CA ALA A 107 -8.65 2.82 -4.05
C ALA A 107 -7.43 2.91 -3.14
N MET A 108 -7.62 3.33 -1.89
CA MET A 108 -6.47 3.44 -0.99
C MET A 108 -5.77 2.08 -0.79
N GLY A 109 -6.52 0.99 -0.93
CA GLY A 109 -5.90 -0.32 -0.92
C GLY A 109 -4.88 -0.47 -2.04
N ALA A 110 -5.24 0.01 -3.23
CA ALA A 110 -4.32 -0.03 -4.34
C ALA A 110 -3.17 0.98 -4.13
N PHE A 111 -3.46 2.11 -3.50
CA PHE A 111 -2.39 3.11 -3.29
C PHE A 111 -1.38 2.56 -2.31
N LEU A 112 -1.88 1.93 -1.25
CA LEU A 112 -1.02 1.29 -0.26
C LEU A 112 -0.17 0.21 -0.93
N LEU A 113 -0.82 -0.61 -1.76
CA LEU A 113 -0.12 -1.68 -2.48
C LEU A 113 1.06 -1.11 -3.27
N SER A 114 0.82 0.02 -3.91
CA SER A 114 1.82 0.64 -4.77
C SER A 114 2.99 1.24 -3.98
N CYS A 115 2.96 1.10 -2.66
CA CYS A 115 4.08 1.56 -1.83
C CYS A 115 5.16 0.49 -1.60
N GLY A 116 4.90 -0.75 -2.03
CA GLY A 116 5.89 -1.78 -1.83
C GLY A 116 7.03 -1.75 -2.84
N ASP A 117 8.23 -2.10 -2.40
CA ASP A 117 9.34 -2.26 -3.32
C ASP A 117 9.06 -3.38 -4.32
N HIS A 118 8.43 -4.45 -3.82
CA HIS A 118 8.03 -5.58 -4.66
C HIS A 118 6.60 -5.99 -4.29
N ARG A 119 5.77 -6.21 -5.30
CA ARG A 119 4.36 -6.48 -5.08
C ARG A 119 3.89 -7.76 -5.77
N VAL A 120 3.34 -8.68 -4.98
CA VAL A 120 2.92 -9.98 -5.49
C VAL A 120 1.41 -10.11 -5.36
N ALA A 121 0.76 -10.50 -6.45
CA ALA A 121 -0.67 -10.72 -6.47
C ALA A 121 -1.04 -11.99 -7.26
N ALA A 122 -2.30 -12.41 -7.18
CA ALA A 122 -2.79 -13.56 -7.95
C ALA A 122 -3.52 -13.08 -9.20
N HIS A 123 -3.74 -13.98 -10.15
CA HIS A 123 -4.26 -13.61 -11.46
C HIS A 123 -5.62 -12.89 -11.45
N ALA A 124 -6.49 -13.22 -10.50
CA ALA A 124 -7.85 -12.71 -10.54
C ALA A 124 -8.12 -11.62 -9.54
N TYR A 125 -7.07 -11.11 -8.89
CA TYR A 125 -7.26 -10.05 -7.92
C TYR A 125 -7.39 -8.69 -8.62
N ASN A 126 -8.52 -8.00 -8.39
CA ASN A 126 -8.74 -6.71 -9.01
C ASN A 126 -7.96 -5.63 -8.27
N ILE A 127 -7.25 -4.82 -9.05
CA ILE A 127 -6.53 -3.66 -8.54
C ILE A 127 -7.05 -2.44 -9.31
N GLN A 128 -7.60 -1.48 -8.59
CA GLN A 128 -8.36 -0.40 -9.23
C GLN A 128 -8.47 0.82 -8.33
N ALA A 129 -8.14 1.99 -8.88
CA ALA A 129 -8.57 3.24 -8.28
C ALA A 129 -9.97 3.52 -8.82
N ASN A 130 -11.00 3.22 -8.01
CA ASN A 130 -12.37 3.31 -8.51
C ASN A 130 -13.03 4.65 -8.26
N GLU A 131 -12.25 5.62 -7.77
CA GLU A 131 -12.79 6.94 -7.43
C GLU A 131 -13.73 7.51 -8.49
N VAL A 132 -13.25 7.61 -9.73
CA VAL A 132 -14.04 8.24 -10.78
C VAL A 132 -15.35 7.48 -11.03
N ALA A 133 -15.31 6.16 -10.86
CA ALA A 133 -16.51 5.35 -11.00
C ALA A 133 -17.57 5.71 -9.95
N ILE A 134 -17.13 6.09 -8.75
CA ILE A 134 -18.08 6.41 -7.69
C ILE A 134 -18.19 7.91 -7.41
N GLY A 135 -17.71 8.71 -8.35
CA GLY A 135 -17.93 10.15 -8.32
C GLY A 135 -17.00 10.95 -7.45
N MET A 136 -15.77 10.46 -7.26
CA MET A 136 -14.75 11.24 -6.54
C MET A 136 -13.54 11.52 -7.41
N THR A 137 -12.93 12.69 -7.19
CA THR A 137 -11.67 13.03 -7.85
C THR A 137 -10.52 12.43 -7.06
N ILE A 138 -9.50 11.95 -7.77
CA ILE A 138 -8.38 11.29 -7.11
C ILE A 138 -7.46 12.33 -6.49
N PRO A 139 -7.18 12.19 -5.18
CA PRO A 139 -6.32 13.15 -4.47
C PRO A 139 -4.92 13.18 -5.09
N TYR A 140 -4.27 14.33 -5.02
CA TYR A 140 -2.94 14.48 -5.59
C TYR A 140 -1.92 13.48 -5.01
N ALA A 141 -2.00 13.21 -3.71
CA ALA A 141 -1.07 12.27 -3.08
C ALA A 141 -1.20 10.88 -3.75
N ALA A 142 -2.44 10.50 -4.05
CA ALA A 142 -2.69 9.19 -4.66
C ALA A 142 -2.21 9.18 -6.09
N LEU A 143 -2.48 10.27 -6.81
CA LEU A 143 -1.99 10.41 -8.18
C LEU A 143 -0.49 10.25 -8.28
N GLU A 144 0.24 10.85 -7.33
CA GLU A 144 1.70 10.77 -7.34
C GLU A 144 2.24 9.37 -7.05
N ILE A 145 1.60 8.68 -6.11
CA ILE A 145 1.91 7.28 -5.82
C ILE A 145 1.74 6.42 -7.07
N MET A 146 0.63 6.60 -7.77
CA MET A 146 0.35 5.83 -8.97
C MET A 146 1.30 6.17 -10.10
N LYS A 147 1.63 7.46 -10.22
CA LYS A 147 2.49 7.90 -11.30
C LYS A 147 3.90 7.39 -11.12
N LEU A 148 4.24 7.05 -9.88
CA LEU A 148 5.55 6.49 -9.59
C LEU A 148 5.71 5.07 -10.18
N ARG A 149 4.60 4.38 -10.43
CA ARG A 149 4.65 2.93 -10.77
C ARG A 149 3.97 2.55 -12.09
N LEU A 150 2.87 3.22 -12.43
CA LEU A 150 2.10 2.84 -13.60
C LEU A 150 2.71 3.41 -14.86
N THR A 151 2.75 2.62 -15.94
CA THR A 151 3.22 3.15 -17.21
C THR A 151 2.40 4.38 -17.60
N ARG A 152 2.93 5.20 -18.51
CA ARG A 152 2.24 6.42 -18.91
C ARG A 152 0.81 6.17 -19.40
N SER A 153 0.60 5.16 -20.25
CA SER A 153 -0.75 4.90 -20.74
C SER A 153 -1.65 4.24 -19.70
N ALA A 154 -1.09 3.36 -18.87
CA ALA A 154 -1.89 2.73 -17.82
C ALA A 154 -2.35 3.80 -16.80
N TYR A 155 -1.46 4.75 -16.52
CA TYR A 155 -1.78 5.83 -15.59
C TYR A 155 -3.00 6.62 -16.06
N GLN A 156 -3.03 6.95 -17.34
CA GLN A 156 -4.17 7.66 -17.93
C GLN A 156 -5.49 6.91 -17.69
N GLN A 157 -5.49 5.62 -17.99
CA GLN A 157 -6.72 4.85 -17.89
C GLN A 157 -7.06 4.52 -16.43
N ALA A 158 -6.04 4.31 -15.60
CA ALA A 158 -6.29 3.96 -14.20
C ALA A 158 -6.96 5.11 -13.45
N THR A 159 -6.65 6.32 -13.86
CA THR A 159 -7.14 7.50 -13.18
C THR A 159 -8.46 7.96 -13.79
N GLY A 160 -8.39 8.61 -14.96
CA GLY A 160 -9.58 9.12 -15.63
C GLY A 160 -10.67 8.09 -15.89
N LEU A 161 -10.31 6.85 -16.16
CA LEU A 161 -11.31 5.85 -16.52
C LEU A 161 -11.57 4.83 -15.41
N ALA A 162 -10.91 5.00 -14.27
CA ALA A 162 -11.07 4.05 -13.16
C ALA A 162 -10.90 2.60 -13.67
N LYS A 163 -9.92 2.40 -14.53
CA LYS A 163 -9.72 1.07 -15.13
C LYS A 163 -9.31 0.03 -14.09
N THR A 164 -9.93 -1.14 -14.19
CA THR A 164 -9.60 -2.26 -13.31
C THR A 164 -8.52 -3.12 -13.97
N PHE A 165 -7.48 -3.42 -13.20
CA PHE A 165 -6.38 -4.25 -13.69
C PHE A 165 -6.33 -5.53 -12.86
N PHE A 166 -5.77 -6.56 -13.47
CA PHE A 166 -5.57 -7.84 -12.78
C PHE A 166 -4.53 -8.66 -13.54
N GLY A 167 -3.88 -9.58 -12.84
CA GLY A 167 -2.98 -10.53 -13.46
C GLY A 167 -1.98 -9.90 -14.41
N GLU A 168 -1.96 -10.40 -15.65
CA GLU A 168 -1.03 -9.91 -16.66
C GLU A 168 -1.19 -8.42 -17.01
N THR A 169 -2.43 -7.91 -17.01
CA THR A 169 -2.63 -6.52 -17.37
C THR A 169 -2.15 -5.61 -16.24
N ALA A 170 -2.25 -6.09 -15.00
CA ALA A 170 -1.74 -5.35 -13.84
C ALA A 170 -0.21 -5.36 -13.85
N LEU A 171 0.37 -6.49 -14.26
CA LEU A 171 1.82 -6.63 -14.34
C LEU A 171 2.41 -5.72 -15.44
N ALA A 172 1.76 -5.73 -16.61
CA ALA A 172 2.21 -4.89 -17.72
C ALA A 172 2.04 -3.41 -17.36
N ALA A 173 0.97 -3.10 -16.63
CA ALA A 173 0.65 -1.71 -16.30
C ALA A 173 1.57 -1.16 -15.23
N GLY A 174 2.15 -2.04 -14.42
CA GLY A 174 2.98 -1.63 -13.31
C GLY A 174 2.22 -1.51 -12.00
N PHE A 175 1.07 -2.18 -11.92
CA PHE A 175 0.33 -2.23 -10.66
C PHE A 175 0.84 -3.34 -9.73
N ILE A 176 1.57 -4.30 -10.31
CA ILE A 176 2.22 -5.36 -9.54
C ILE A 176 3.52 -5.73 -10.22
N ASP A 177 4.38 -6.46 -9.52
CA ASP A 177 5.65 -6.90 -10.09
C ASP A 177 5.74 -8.40 -10.31
N GLU A 178 4.83 -9.16 -9.70
CA GLU A 178 4.89 -10.62 -9.76
C GLU A 178 3.50 -11.20 -9.62
N ILE A 179 3.20 -12.20 -10.45
CA ILE A 179 1.96 -12.96 -10.34
C ILE A 179 2.25 -14.33 -9.76
N ALA A 180 1.40 -14.78 -8.85
CA ALA A 180 1.50 -16.12 -8.27
C ALA A 180 0.12 -16.66 -7.99
N LEU A 181 -0.01 -17.99 -7.89
CA LEU A 181 -1.27 -18.61 -7.50
C LEU A 181 -1.67 -18.16 -6.10
N PRO A 182 -2.97 -18.00 -5.86
CA PRO A 182 -3.47 -17.51 -4.57
C PRO A 182 -2.81 -18.18 -3.37
N GLU A 183 -2.68 -19.51 -3.42
CA GLU A 183 -2.20 -20.26 -2.27
C GLU A 183 -0.71 -20.08 -1.96
N VAL A 184 0.04 -19.46 -2.89
CA VAL A 184 1.44 -19.18 -2.62
C VAL A 184 1.81 -17.70 -2.72
N VAL A 185 0.82 -16.82 -2.82
CA VAL A 185 1.12 -15.37 -2.82
C VAL A 185 1.97 -14.97 -1.63
N VAL A 186 1.54 -15.34 -0.42
CA VAL A 186 2.31 -15.01 0.77
C VAL A 186 3.70 -15.67 0.77
N SER A 187 3.77 -16.96 0.49
CA SER A 187 5.06 -17.62 0.44
C SER A 187 6.03 -16.93 -0.54
N ARG A 188 5.54 -16.55 -1.71
CA ARG A 188 6.40 -15.88 -2.70
C ARG A 188 6.89 -14.52 -2.19
N ALA A 189 6.01 -13.80 -1.52
CA ALA A 189 6.38 -12.50 -0.93
C ALA A 189 7.47 -12.68 0.13
N GLU A 190 7.27 -13.63 1.04
CA GLU A 190 8.27 -13.92 2.06
CA GLU A 190 8.28 -13.91 2.06
C GLU A 190 9.61 -14.31 1.44
N GLU A 191 9.55 -15.12 0.39
CA GLU A 191 10.76 -15.55 -0.31
C GLU A 191 11.50 -14.36 -0.91
N ALA A 192 10.76 -13.49 -1.57
CA ALA A 192 11.34 -12.28 -2.15
C ALA A 192 11.94 -11.40 -1.05
N ALA A 193 11.22 -11.25 0.05
CA ALA A 193 11.69 -10.45 1.19
C ALA A 193 13.02 -10.95 1.73
N ARG A 194 13.14 -12.26 1.90
CA ARG A 194 14.38 -12.86 2.38
CA ARG A 194 14.37 -12.84 2.39
C ARG A 194 15.54 -12.55 1.45
N GLU A 195 15.28 -12.59 0.14
CA GLU A 195 16.32 -12.28 -0.83
C GLU A 195 16.74 -10.81 -0.73
N PHE A 196 15.75 -9.92 -0.65
CA PHE A 196 16.05 -8.48 -0.62
C PHE A 196 16.81 -8.08 0.65
N ALA A 197 16.53 -8.77 1.75
CA ALA A 197 17.25 -8.55 3.00
C ALA A 197 18.75 -8.78 2.85
N GLY A 198 19.14 -9.53 1.82
CA GLY A 198 20.55 -9.79 1.52
C GLY A 198 21.23 -8.67 0.77
N LEU A 199 20.44 -7.72 0.27
CA LEU A 199 20.99 -6.53 -0.36
C LEU A 199 21.68 -5.68 0.71
N ASN A 200 22.59 -4.80 0.31
CA ASN A 200 23.19 -3.88 1.29
C ASN A 200 22.13 -2.88 1.78
N GLN A 201 21.87 -2.86 3.09
CA GLN A 201 20.76 -2.06 3.60
C GLN A 201 20.98 -0.56 3.39
N HIS A 202 22.18 -0.07 3.69
CA HIS A 202 22.44 1.37 3.53
CA HIS A 202 22.44 1.36 3.54
C HIS A 202 22.25 1.81 2.08
N ALA A 203 22.85 1.05 1.16
CA ALA A 203 22.75 1.36 -0.26
C ALA A 203 21.31 1.31 -0.75
N HIS A 204 20.54 0.36 -0.22
CA HIS A 204 19.14 0.23 -0.61
C HIS A 204 18.31 1.41 -0.11
N ALA A 205 18.45 1.71 1.18
CA ALA A 205 17.75 2.85 1.75
C ALA A 205 18.06 4.14 1.00
N ALA A 206 19.33 4.37 0.71
CA ALA A 206 19.75 5.60 0.03
C ALA A 206 19.31 5.63 -1.43
N THR A 207 19.43 4.50 -2.12
CA THR A 207 19.08 4.45 -3.54
C THR A 207 17.57 4.60 -3.77
N LYS A 208 16.75 3.94 -2.94
CA LYS A 208 15.31 4.04 -3.11
C LYS A 208 14.84 5.48 -2.91
N LEU A 209 15.45 6.23 -1.99
CA LEU A 209 15.07 7.62 -1.81
C LEU A 209 15.37 8.45 -3.06
N ARG A 210 16.55 8.25 -3.65
CA ARG A 210 16.92 8.92 -4.89
C ARG A 210 15.96 8.56 -6.01
N SER A 211 15.52 7.30 -6.06
CA SER A 211 14.68 6.86 -7.15
C SER A 211 13.25 7.37 -6.96
N ARG A 212 12.97 7.96 -5.79
CA ARG A 212 11.61 8.40 -5.46
C ARG A 212 11.52 9.86 -5.00
N ALA A 213 12.63 10.59 -5.07
CA ALA A 213 12.71 11.94 -4.50
C ALA A 213 11.55 12.87 -4.88
N ASP A 214 11.29 13.01 -6.17
CA ASP A 214 10.25 13.93 -6.65
C ASP A 214 8.86 13.48 -6.25
N ALA A 215 8.65 12.18 -6.27
CA ALA A 215 7.37 11.64 -5.84
C ALA A 215 7.12 11.92 -4.36
N LEU A 216 8.15 11.72 -3.54
CA LEU A 216 8.00 11.85 -2.10
C LEU A 216 7.73 13.31 -1.74
N THR A 217 8.41 14.22 -2.43
CA THR A 217 8.16 15.65 -2.24
C THR A 217 6.73 16.01 -2.64
N ALA A 218 6.28 15.47 -3.77
CA ALA A 218 4.91 15.73 -4.22
C ALA A 218 3.86 15.08 -3.31
N ILE A 219 4.20 13.93 -2.74
CA ILE A 219 3.30 13.26 -1.80
C ILE A 219 3.20 14.02 -0.47
N ARG A 220 4.32 14.56 0.00
CA ARG A 220 4.30 15.39 1.19
C ARG A 220 3.37 16.59 0.97
N ALA A 221 3.49 17.21 -0.19
CA ALA A 221 2.65 18.35 -0.55
C ALA A 221 1.19 17.93 -0.64
N GLY A 222 0.96 16.76 -1.21
CA GLY A 222 -0.39 16.26 -1.35
C GLY A 222 -1.04 15.95 -0.02
N ILE A 223 -0.24 15.50 0.95
CA ILE A 223 -0.73 15.24 2.29
C ILE A 223 -1.14 16.54 2.97
N ASP A 224 -0.30 17.56 2.84
CA ASP A 224 -0.60 18.88 3.41
C ASP A 224 -1.70 19.63 2.62
N GLY A 225 -2.07 19.12 1.46
CA GLY A 225 -3.13 19.72 0.66
C GLY A 225 -4.44 18.94 0.66
N ILE A 226 -4.54 17.94 1.53
CA ILE A 226 -5.76 17.11 1.59
C ILE A 226 -7.00 17.95 1.92
N ALA A 227 -6.87 18.81 2.93
CA ALA A 227 -7.96 19.72 3.31
C ALA A 227 -8.46 20.55 2.14
N ALA A 228 -7.54 21.02 1.31
CA ALA A 228 -7.91 21.82 0.14
C ALA A 228 -8.69 21.03 -0.91
N GLU A 229 -8.48 19.72 -0.96
CA GLU A 229 -9.21 18.87 -1.89
C GLU A 229 -10.71 19.07 -1.67
N PHE A 230 -11.11 18.97 -0.41
CA PHE A 230 -12.50 19.21 -0.01
C PHE A 230 -12.90 20.65 -0.31
N GLY A 231 -11.91 21.51 -0.55
CA GLY A 231 -12.15 22.93 -0.69
C GLY A 231 -12.16 23.58 0.68
N LEU A 232 -11.74 22.79 1.67
CA LEU A 232 -11.73 23.25 3.05
C LEU A 232 -10.42 23.94 3.39
#